data_4IC4
#
_entry.id   4IC4
#
_cell.length_a   40.866
_cell.length_b   89.200
_cell.length_c   96.102
_cell.angle_alpha   90.00
_cell.angle_beta   90.00
_cell.angle_gamma   90.00
#
_symmetry.space_group_name_H-M   'P 21 21 21'
#
loop_
_entity.id
_entity.type
_entity.pdbx_description
1 polymer 'Oxysterol-binding protein homolog 3'
2 water water
#
_entity_poly.entity_id   1
_entity_poly.type   'polypeptide(L)'
_entity_poly.pdbx_seq_one_letter_code
;GAMDPSAQSSTETFTSKDLFALSYPKSVTRRNDIPEAAASPPSLLSFLRKNVGKDLSSIAMPVTSNEPISILQLISETFE
YAPLLTKATQRPDPITFVSAFAISFLSIYRDKTRTLRKPFNPLLAETFELIREDMGFRLISEKVSHRPPVFAFFAEHLDW
ECSYTVTPSQKFWGKSIELNNEGILRLKFKTTGELFEWTQPTTILKNLIAGERYMEPVNEFEVHSSKGDKSHILFDKAGM
FSGRSEGFKVSIIPPPSSNRKKETLAGKWTQSLANETTHETIWEVGDLVSNPKKKYGFTKFTANLNEITEIEKGNLPPTD
SRLRPDIRAYEEGNVDKAEEWKLKLEQLQRERRNKGQDVEPKYFEKVSKNEWKYITGPKSYWERRKKHDWSDISQLW
;
_entity_poly.pdbx_strand_id   A
#
# COMPACT_ATOMS: atom_id res chain seq x y z
N LYS A 26 0.67 -24.72 -7.63
CA LYS A 26 2.16 -24.71 -7.42
C LYS A 26 2.51 -23.77 -6.29
N SER A 27 3.80 -23.46 -6.15
CA SER A 27 4.28 -22.57 -5.10
C SER A 27 5.72 -22.15 -5.33
N VAL A 28 6.20 -21.21 -4.52
CA VAL A 28 7.57 -20.74 -4.64
C VAL A 28 8.17 -20.40 -3.28
N THR A 29 9.47 -20.61 -3.16
CA THR A 29 10.19 -20.32 -1.92
C THR A 29 10.51 -18.83 -1.96
N ARG A 30 10.13 -18.11 -0.90
CA ARG A 30 10.39 -16.69 -0.83
C ARG A 30 11.44 -16.41 0.23
N ARG A 31 12.16 -15.30 0.08
CA ARG A 31 13.23 -14.97 1.02
C ARG A 31 12.76 -14.67 2.44
N ASN A 32 11.60 -14.05 2.58
CA ASN A 32 11.05 -13.74 3.91
C ASN A 32 12.05 -12.98 4.77
N ASP A 33 12.92 -12.20 4.12
CA ASP A 33 13.94 -11.46 4.84
C ASP A 33 14.64 -10.51 3.87
N ILE A 34 15.35 -9.53 4.43
CA ILE A 34 16.09 -8.56 3.63
C ILE A 34 17.37 -8.21 4.38
N PRO A 35 18.35 -7.66 3.66
CA PRO A 35 19.60 -7.28 4.32
C PRO A 35 19.32 -6.15 5.31
N GLU A 36 20.12 -6.06 6.36
CA GLU A 36 19.92 -5.00 7.33
C GLU A 36 20.13 -3.64 6.67
N ALA A 37 19.47 -2.62 7.18
CA ALA A 37 19.60 -1.26 6.63
C ALA A 37 21.10 -0.92 6.65
N ALA A 38 21.57 -0.30 5.57
CA ALA A 38 22.99 0.05 5.48
C ALA A 38 23.31 1.48 5.92
N ALA A 39 22.30 2.25 6.29
CA ALA A 39 22.52 3.63 6.74
C ALA A 39 21.57 4.05 7.85
N SER A 40 21.98 5.05 8.63
CA SER A 40 21.14 5.55 9.72
C SER A 40 20.04 6.43 9.12
N PRO A 41 18.85 6.42 9.73
CA PRO A 41 17.70 7.21 9.27
C PRO A 41 17.80 8.72 9.46
N PRO A 42 17.73 9.49 8.36
CA PRO A 42 17.82 10.94 8.51
C PRO A 42 16.53 11.46 9.14
N SER A 43 16.53 12.72 9.55
CA SER A 43 15.36 13.34 10.17
C SER A 43 14.47 14.03 9.14
N LEU A 44 13.20 13.65 9.13
CA LEU A 44 12.25 14.25 8.19
C LEU A 44 12.09 15.74 8.46
N LEU A 45 11.93 16.10 9.73
CA LEU A 45 11.76 17.50 10.12
C LEU A 45 12.86 18.40 9.56
N SER A 46 14.08 17.86 9.49
CA SER A 46 15.21 18.62 8.98
C SER A 46 14.92 19.12 7.56
N PHE A 47 14.27 18.30 6.77
CA PHE A 47 13.93 18.65 5.40
C PHE A 47 12.68 19.50 5.28
N LEU A 48 11.79 19.39 6.27
CA LEU A 48 10.57 20.17 6.27
C LEU A 48 10.87 21.63 6.53
N ARG A 49 11.83 21.88 7.43
CA ARG A 49 12.24 23.23 7.78
C ARG A 49 12.91 23.96 6.62
N LYS A 50 13.51 23.20 5.71
CA LYS A 50 14.20 23.78 4.56
C LYS A 50 13.33 23.87 3.32
N ASN A 51 12.19 23.20 3.35
CA ASN A 51 11.27 23.20 2.21
C ASN A 51 9.88 23.61 2.70
N VAL A 52 9.84 24.68 3.48
CA VAL A 52 8.58 25.19 4.02
C VAL A 52 7.61 25.48 2.88
N GLY A 53 6.74 24.52 2.59
CA GLY A 53 5.77 24.68 1.51
C GLY A 53 5.50 23.37 0.81
N LYS A 54 6.25 23.08 -0.25
CA LYS A 54 6.10 21.83 -0.98
C LYS A 54 6.46 20.68 -0.05
N ASP A 55 5.59 19.68 0.05
CA ASP A 55 5.83 18.56 0.93
C ASP A 55 6.33 17.25 0.35
N LEU A 56 7.22 16.63 1.11
CA LEU A 56 7.86 15.36 0.82
C LEU A 56 7.86 14.85 -0.62
N SER A 57 6.71 14.42 -1.10
CA SER A 57 6.60 13.88 -2.46
C SER A 57 7.34 14.64 -3.55
N SER A 58 7.52 15.94 -3.38
CA SER A 58 8.22 16.74 -4.39
C SER A 58 9.59 17.22 -3.92
N ILE A 59 9.92 16.93 -2.67
CA ILE A 59 11.21 17.35 -2.10
C ILE A 59 12.35 16.37 -2.42
N ALA A 60 13.49 16.93 -2.83
CA ALA A 60 14.65 16.11 -3.16
C ALA A 60 15.18 15.54 -1.85
N MET A 61 14.94 14.26 -1.64
CA MET A 61 15.38 13.59 -0.42
C MET A 61 16.53 12.62 -0.70
N PRO A 62 17.47 12.50 0.25
CA PRO A 62 18.59 11.59 0.03
C PRO A 62 18.02 10.17 0.03
N VAL A 63 18.68 9.25 -0.65
CA VAL A 63 18.20 7.88 -0.72
C VAL A 63 18.13 7.23 0.67
N THR A 64 18.88 7.78 1.63
CA THR A 64 18.88 7.24 2.98
C THR A 64 17.57 7.50 3.72
N SER A 65 16.74 8.39 3.17
CA SER A 65 15.44 8.69 3.76
C SER A 65 14.41 7.67 3.31
N ASN A 66 14.82 6.77 2.41
CA ASN A 66 13.91 5.75 1.89
C ASN A 66 14.10 4.37 2.50
N GLU A 67 13.10 3.51 2.24
CA GLU A 67 13.14 2.11 2.62
C GLU A 67 13.23 1.47 1.22
N PRO A 68 13.75 0.25 1.11
CA PRO A 68 13.89 -0.41 -0.20
C PRO A 68 12.69 -0.95 -0.97
N ILE A 69 11.66 -0.12 -1.12
CA ILE A 69 10.48 -0.49 -1.92
C ILE A 69 9.90 0.79 -2.51
N SER A 70 9.08 0.66 -3.55
CA SER A 70 8.45 1.82 -4.18
C SER A 70 7.06 2.01 -3.57
N ILE A 71 6.43 3.15 -3.86
CA ILE A 71 5.09 3.39 -3.31
C ILE A 71 4.11 2.36 -3.84
N LEU A 72 4.32 1.90 -5.07
CA LEU A 72 3.43 0.88 -5.64
C LEU A 72 3.51 -0.37 -4.78
N GLN A 73 4.71 -0.72 -4.34
CA GLN A 73 4.89 -1.89 -3.49
C GLN A 73 4.27 -1.65 -2.11
N LEU A 74 4.44 -0.45 -1.56
CA LEU A 74 3.85 -0.13 -0.26
C LEU A 74 2.34 -0.30 -0.27
N ILE A 75 1.69 0.29 -1.26
CA ILE A 75 0.23 0.18 -1.33
C ILE A 75 -0.23 -1.26 -1.57
N SER A 76 0.62 -2.07 -2.20
CA SER A 76 0.28 -3.47 -2.42
C SER A 76 0.19 -4.23 -1.11
N GLU A 77 0.76 -3.68 -0.04
CA GLU A 77 0.70 -4.32 1.27
C GLU A 77 -0.74 -4.27 1.79
N THR A 78 -1.57 -3.48 1.12
CA THR A 78 -2.98 -3.39 1.48
C THR A 78 -3.58 -4.81 1.36
N PHE A 79 -2.93 -5.64 0.54
CA PHE A 79 -3.39 -7.00 0.30
C PHE A 79 -2.67 -8.12 1.06
N GLU A 80 -1.86 -7.75 2.05
CA GLU A 80 -1.16 -8.75 2.85
C GLU A 80 -2.12 -9.79 3.43
N TYR A 81 -3.30 -9.34 3.85
CA TYR A 81 -4.29 -10.24 4.44
C TYR A 81 -5.48 -10.47 3.53
N ALA A 82 -5.20 -10.63 2.24
CA ALA A 82 -6.21 -10.88 1.22
C ALA A 82 -7.12 -12.07 1.55
N PRO A 83 -6.61 -13.08 2.27
CA PRO A 83 -7.49 -14.22 2.60
C PRO A 83 -8.76 -13.81 3.34
N LEU A 84 -8.73 -12.63 3.97
CA LEU A 84 -9.90 -12.13 4.68
C LEU A 84 -11.03 -11.88 3.68
N LEU A 85 -10.66 -11.43 2.48
CA LEU A 85 -11.66 -11.17 1.45
C LEU A 85 -12.25 -12.49 0.96
N THR A 86 -11.39 -13.49 0.79
CA THR A 86 -11.83 -14.79 0.36
C THR A 86 -12.79 -15.37 1.40
N LYS A 87 -12.44 -15.23 2.67
CA LYS A 87 -13.27 -15.74 3.75
C LYS A 87 -14.61 -14.98 3.76
N ALA A 88 -14.55 -13.69 3.45
CA ALA A 88 -15.75 -12.87 3.42
C ALA A 88 -16.78 -13.41 2.44
N THR A 89 -16.32 -13.87 1.27
CA THR A 89 -17.24 -14.40 0.26
C THR A 89 -17.84 -15.73 0.67
N GLN A 90 -17.39 -16.28 1.80
CA GLN A 90 -17.90 -17.56 2.27
C GLN A 90 -18.67 -17.47 3.58
N ARG A 91 -18.84 -16.26 4.09
CA ARG A 91 -19.54 -16.03 5.35
C ARG A 91 -20.86 -15.29 5.15
N PRO A 92 -21.81 -15.46 6.08
CA PRO A 92 -23.11 -14.79 6.00
C PRO A 92 -23.05 -13.30 6.35
N ASP A 93 -22.01 -12.91 7.08
CA ASP A 93 -21.83 -11.52 7.49
C ASP A 93 -20.50 -11.02 6.89
N PRO A 94 -20.43 -10.92 5.56
CA PRO A 94 -19.23 -10.48 4.87
C PRO A 94 -18.59 -9.15 5.28
N ILE A 95 -19.41 -8.14 5.59
CA ILE A 95 -18.82 -6.86 5.96
C ILE A 95 -17.95 -6.92 7.20
N THR A 96 -18.13 -7.95 8.03
CA THR A 96 -17.30 -8.08 9.22
C THR A 96 -15.87 -8.35 8.78
N PHE A 97 -15.70 -9.23 7.79
CA PHE A 97 -14.38 -9.58 7.32
C PHE A 97 -13.81 -8.52 6.38
N VAL A 98 -14.68 -7.84 5.64
CA VAL A 98 -14.22 -6.78 4.76
C VAL A 98 -13.69 -5.65 5.66
N SER A 99 -14.37 -5.43 6.79
CA SER A 99 -13.93 -4.40 7.72
C SER A 99 -12.56 -4.75 8.29
N ALA A 100 -12.37 -6.02 8.65
CA ALA A 100 -11.09 -6.47 9.17
C ALA A 100 -10.02 -6.22 8.12
N PHE A 101 -10.33 -6.55 6.87
CA PHE A 101 -9.40 -6.35 5.78
C PHE A 101 -9.04 -4.86 5.64
N ALA A 102 -10.05 -4.00 5.70
CA ALA A 102 -9.86 -2.56 5.55
C ALA A 102 -8.91 -1.96 6.60
N ILE A 103 -8.96 -2.50 7.81
CA ILE A 103 -8.13 -2.02 8.90
C ILE A 103 -6.75 -2.68 8.95
N SER A 104 -6.68 -3.92 8.48
CA SER A 104 -5.44 -4.68 8.54
C SER A 104 -4.16 -4.04 8.02
N PHE A 105 -4.25 -3.25 6.96
CA PHE A 105 -3.05 -2.64 6.40
C PHE A 105 -2.29 -1.77 7.41
N LEU A 106 -3.00 -1.22 8.39
CA LEU A 106 -2.36 -0.37 9.40
C LEU A 106 -1.28 -1.11 10.18
N SER A 107 -1.44 -2.42 10.30
CA SER A 107 -0.51 -3.25 11.06
C SER A 107 0.95 -3.21 10.62
N ILE A 108 1.22 -2.76 9.40
CA ILE A 108 2.62 -2.72 8.96
C ILE A 108 3.41 -1.69 9.73
N TYR A 109 2.72 -0.82 10.47
CA TYR A 109 3.38 0.21 11.25
C TYR A 109 3.47 -0.14 12.72
N ARG A 110 3.20 -1.40 13.06
CA ARG A 110 3.25 -1.80 14.47
C ARG A 110 4.66 -1.62 15.04
N ASP A 111 5.67 -1.94 14.26
CA ASP A 111 7.04 -1.73 14.71
C ASP A 111 7.34 -0.31 14.27
N LYS A 112 7.48 0.59 15.23
CA LYS A 112 7.74 2.00 14.97
C LYS A 112 8.90 2.25 14.00
N THR A 113 9.80 1.29 13.86
CA THR A 113 10.93 1.46 12.96
C THR A 113 10.44 1.76 11.53
N ARG A 114 9.32 1.16 11.15
CA ARG A 114 8.77 1.35 9.82
C ARG A 114 8.41 2.80 9.51
N THR A 115 8.14 3.60 10.54
CA THR A 115 7.77 4.99 10.33
C THR A 115 8.96 5.94 10.12
N LEU A 116 10.18 5.43 10.23
CA LEU A 116 11.38 6.24 10.08
C LEU A 116 11.73 6.63 8.64
N ARG A 117 11.41 5.77 7.68
CA ARG A 117 11.70 6.04 6.27
C ARG A 117 10.45 5.94 5.41
N LYS A 118 10.57 6.36 4.15
CA LYS A 118 9.45 6.33 3.20
C LYS A 118 9.85 5.57 1.94
N PRO A 119 8.86 5.04 1.20
CA PRO A 119 9.19 4.32 -0.03
C PRO A 119 9.69 5.25 -1.13
N PHE A 120 10.35 4.67 -2.13
CA PHE A 120 10.82 5.46 -3.26
C PHE A 120 9.61 5.92 -4.07
N ASN A 121 9.66 7.13 -4.60
CA ASN A 121 8.58 7.63 -5.44
C ASN A 121 8.69 6.91 -6.78
N PRO A 122 7.61 6.25 -7.21
CA PRO A 122 7.70 5.55 -8.50
C PRO A 122 7.84 6.56 -9.64
N LEU A 123 8.32 6.10 -10.78
CA LEU A 123 8.44 6.95 -11.94
C LEU A 123 7.10 6.86 -12.68
N LEU A 124 6.76 7.88 -13.45
CA LEU A 124 5.53 7.81 -14.23
C LEU A 124 5.68 6.59 -15.14
N ALA A 125 4.65 5.77 -15.20
CA ALA A 125 4.62 4.57 -16.03
C ALA A 125 5.33 3.37 -15.39
N GLU A 126 5.88 3.56 -14.20
CA GLU A 126 6.50 2.46 -13.49
C GLU A 126 5.33 1.54 -13.12
N THR A 127 5.60 0.23 -13.06
CA THR A 127 4.57 -0.73 -12.72
C THR A 127 5.03 -1.66 -11.63
N PHE A 128 4.10 -2.40 -11.05
CA PHE A 128 4.45 -3.40 -10.06
C PHE A 128 3.40 -4.48 -10.09
N GLU A 129 3.81 -5.69 -10.43
CA GLU A 129 2.90 -6.81 -10.45
C GLU A 129 3.17 -7.65 -9.21
N LEU A 130 2.15 -8.36 -8.75
CA LEU A 130 2.31 -9.23 -7.60
C LEU A 130 1.36 -10.41 -7.74
N ILE A 131 1.94 -11.56 -8.03
CA ILE A 131 1.18 -12.79 -8.16
C ILE A 131 1.42 -13.63 -6.92
N ARG A 132 0.36 -13.90 -6.17
CA ARG A 132 0.47 -14.71 -4.97
C ARG A 132 -0.47 -15.92 -5.09
N GLU A 133 0.02 -16.97 -5.73
CA GLU A 133 -0.75 -18.19 -5.94
C GLU A 133 -1.20 -18.79 -4.61
N ASP A 134 -0.38 -18.62 -3.57
CA ASP A 134 -0.70 -19.14 -2.25
C ASP A 134 -1.97 -18.52 -1.69
N MET A 135 -2.29 -17.30 -2.13
CA MET A 135 -3.49 -16.62 -1.68
C MET A 135 -4.53 -16.50 -2.79
N GLY A 136 -4.23 -17.12 -3.92
CA GLY A 136 -5.13 -17.12 -5.06
C GLY A 136 -5.38 -15.81 -5.77
N PHE A 137 -4.48 -14.84 -5.64
CA PHE A 137 -4.73 -13.57 -6.32
C PHE A 137 -3.52 -13.04 -7.07
N ARG A 138 -3.78 -12.09 -7.96
CA ARG A 138 -2.73 -11.44 -8.70
C ARG A 138 -3.09 -9.97 -8.70
N LEU A 139 -2.08 -9.12 -8.70
CA LEU A 139 -2.29 -7.69 -8.69
C LEU A 139 -1.39 -7.01 -9.69
N ILE A 140 -1.89 -5.96 -10.31
CA ILE A 140 -1.08 -5.16 -11.22
C ILE A 140 -1.32 -3.69 -10.82
N SER A 141 -0.26 -2.90 -10.84
CA SER A 141 -0.37 -1.49 -10.50
C SER A 141 0.53 -0.67 -11.42
N GLU A 142 0.20 0.61 -11.57
CA GLU A 142 0.95 1.50 -12.43
C GLU A 142 0.82 2.94 -11.96
N LYS A 143 1.89 3.72 -12.06
CA LYS A 143 1.79 5.13 -11.71
C LYS A 143 1.24 5.76 -12.98
N VAL A 144 0.02 6.28 -12.92
CA VAL A 144 -0.64 6.84 -14.09
C VAL A 144 -0.55 8.37 -14.26
N SER A 145 -0.10 9.06 -13.21
CA SER A 145 0.06 10.50 -13.24
C SER A 145 1.21 10.88 -12.32
N HIS A 146 1.99 11.91 -12.70
CA HIS A 146 3.13 12.33 -11.88
C HIS A 146 2.83 13.57 -11.05
N ARG A 147 2.11 14.52 -11.63
CA ARG A 147 1.74 15.76 -10.95
C ARG A 147 0.26 16.03 -11.15
N PRO A 148 -0.58 15.68 -10.14
CA PRO A 148 -0.18 15.08 -8.87
C PRO A 148 0.02 13.57 -9.04
N PRO A 149 0.69 12.93 -8.08
CA PRO A 149 0.91 11.48 -8.21
C PRO A 149 -0.39 10.70 -8.10
N VAL A 150 -0.61 9.79 -9.04
CA VAL A 150 -1.81 8.96 -9.03
C VAL A 150 -1.36 7.54 -9.34
N PHE A 151 -1.78 6.61 -8.50
CA PHE A 151 -1.43 5.20 -8.67
C PHE A 151 -2.70 4.38 -8.85
N ALA A 152 -2.69 3.49 -9.84
CA ALA A 152 -3.84 2.64 -10.12
C ALA A 152 -3.53 1.19 -9.79
N PHE A 153 -4.49 0.53 -9.16
CA PHE A 153 -4.34 -0.87 -8.76
C PHE A 153 -5.53 -1.72 -9.16
N PHE A 154 -5.27 -2.96 -9.55
CA PHE A 154 -6.32 -3.89 -9.90
C PHE A 154 -5.88 -5.26 -9.39
N ALA A 155 -6.60 -5.78 -8.39
CA ALA A 155 -6.29 -7.08 -7.80
C ALA A 155 -7.42 -8.03 -8.14
N GLU A 156 -7.08 -9.25 -8.53
CA GLU A 156 -8.09 -10.25 -8.91
C GLU A 156 -7.87 -11.61 -8.27
N HIS A 157 -8.98 -12.21 -7.87
CA HIS A 157 -9.03 -13.54 -7.26
C HIS A 157 -10.21 -14.19 -7.97
N LEU A 158 -10.34 -15.50 -7.90
CA LEU A 158 -11.46 -16.17 -8.55
C LEU A 158 -12.79 -15.67 -8.00
N ASP A 159 -12.83 -15.33 -6.71
CA ASP A 159 -14.08 -14.92 -6.08
C ASP A 159 -14.27 -13.44 -5.76
N TRP A 160 -13.28 -12.62 -6.05
CA TRP A 160 -13.40 -11.19 -5.79
C TRP A 160 -12.34 -10.42 -6.55
N GLU A 161 -12.55 -9.13 -6.69
CA GLU A 161 -11.59 -8.27 -7.35
C GLU A 161 -11.66 -6.92 -6.69
N CYS A 162 -10.59 -6.14 -6.79
CA CYS A 162 -10.55 -4.84 -6.17
C CYS A 162 -9.82 -3.84 -7.05
N SER A 163 -10.40 -2.64 -7.17
CA SER A 163 -9.82 -1.57 -7.96
C SER A 163 -9.55 -0.39 -7.03
N TYR A 164 -8.51 0.38 -7.34
CA TYR A 164 -8.13 1.49 -6.48
C TYR A 164 -7.34 2.51 -7.26
N THR A 165 -7.77 3.76 -7.22
CA THR A 165 -7.09 4.87 -7.86
C THR A 165 -6.76 5.76 -6.67
N VAL A 166 -5.48 5.93 -6.38
CA VAL A 166 -5.12 6.68 -5.19
C VAL A 166 -4.02 7.72 -5.33
N THR A 167 -4.17 8.79 -4.55
CA THR A 167 -3.21 9.88 -4.50
C THR A 167 -2.87 10.11 -3.04
N PRO A 168 -1.65 9.78 -2.63
CA PRO A 168 -1.27 9.99 -1.22
C PRO A 168 -1.18 11.50 -0.99
N SER A 169 -1.53 11.93 0.21
CA SER A 169 -1.47 13.35 0.53
C SER A 169 -0.93 13.53 1.93
N GLN A 170 -0.39 14.72 2.19
CA GLN A 170 0.18 15.02 3.49
C GLN A 170 0.10 16.50 3.81
N LYS A 171 -0.10 16.81 5.07
CA LYS A 171 -0.19 18.20 5.55
C LYS A 171 0.20 18.24 7.01
N PHE A 172 1.24 19.01 7.33
CA PHE A 172 1.68 19.12 8.72
C PHE A 172 0.71 20.00 9.50
N TRP A 173 0.42 19.59 10.73
CA TRP A 173 -0.50 20.33 11.58
C TRP A 173 0.26 21.20 12.58
N GLY A 174 1.57 21.29 12.39
CA GLY A 174 2.39 22.10 13.28
C GLY A 174 3.39 21.28 14.07
N LYS A 175 2.96 20.12 14.55
CA LYS A 175 3.83 19.24 15.33
C LYS A 175 3.76 17.82 14.78
N SER A 176 2.65 17.52 14.10
CA SER A 176 2.45 16.20 13.52
C SER A 176 2.01 16.34 12.07
N ILE A 177 2.22 15.29 11.28
CA ILE A 177 1.84 15.32 9.88
C ILE A 177 0.69 14.36 9.61
N GLU A 178 -0.31 14.85 8.90
CA GLU A 178 -1.47 14.04 8.56
C GLU A 178 -1.22 13.33 7.24
N LEU A 179 -1.36 12.01 7.24
CA LEU A 179 -1.16 11.21 6.04
C LEU A 179 -2.50 10.64 5.59
N ASN A 180 -2.78 10.76 4.30
CA ASN A 180 -4.02 10.23 3.74
C ASN A 180 -3.80 9.65 2.37
N ASN A 181 -4.65 8.71 2.01
CA ASN A 181 -4.62 8.10 0.69
C ASN A 181 -5.97 8.53 0.12
N GLU A 182 -5.95 9.46 -0.81
CA GLU A 182 -7.19 9.94 -1.41
C GLU A 182 -7.63 8.98 -2.50
N GLY A 183 -8.81 8.41 -2.35
CA GLY A 183 -9.31 7.48 -3.33
C GLY A 183 -10.12 6.40 -2.66
N ILE A 184 -11.13 5.91 -3.38
CA ILE A 184 -12.00 4.87 -2.84
C ILE A 184 -11.57 3.47 -3.26
N LEU A 185 -11.44 2.58 -2.31
CA LEU A 185 -11.11 1.19 -2.64
C LEU A 185 -12.44 0.56 -2.99
N ARG A 186 -12.52 -0.01 -4.18
CA ARG A 186 -13.75 -0.63 -4.64
C ARG A 186 -13.61 -2.13 -4.75
N LEU A 187 -14.24 -2.83 -3.81
CA LEU A 187 -14.19 -4.28 -3.77
C LEU A 187 -15.47 -4.86 -4.36
N LYS A 188 -15.32 -5.89 -5.18
CA LYS A 188 -16.46 -6.57 -5.79
C LYS A 188 -16.38 -8.06 -5.58
N PHE A 189 -17.45 -8.65 -5.06
CA PHE A 189 -17.53 -10.10 -4.87
C PHE A 189 -17.89 -10.65 -6.25
N LYS A 190 -17.05 -11.52 -6.79
CA LYS A 190 -17.32 -12.10 -8.10
C LYS A 190 -18.27 -13.27 -7.95
N THR A 191 -18.62 -13.59 -6.71
CA THR A 191 -19.55 -14.67 -6.42
C THR A 191 -20.99 -14.18 -6.52
N THR A 192 -21.25 -13.02 -5.91
CA THR A 192 -22.61 -12.46 -5.86
C THR A 192 -22.73 -11.07 -6.49
N GLY A 193 -21.61 -10.42 -6.72
CA GLY A 193 -21.64 -9.09 -7.29
C GLY A 193 -21.77 -8.01 -6.22
N GLU A 194 -21.86 -8.41 -4.95
CA GLU A 194 -21.96 -7.43 -3.88
C GLU A 194 -20.73 -6.55 -3.89
N LEU A 195 -20.94 -5.24 -3.74
CA LEU A 195 -19.84 -4.29 -3.75
C LEU A 195 -19.60 -3.67 -2.37
N PHE A 196 -18.34 -3.37 -2.09
CA PHE A 196 -17.96 -2.74 -0.83
C PHE A 196 -17.04 -1.58 -1.20
N GLU A 197 -17.18 -0.47 -0.50
CA GLU A 197 -16.35 0.70 -0.77
C GLU A 197 -15.92 1.37 0.52
N TRP A 198 -14.74 1.97 0.50
CA TRP A 198 -14.22 2.69 1.64
C TRP A 198 -12.99 3.47 1.26
N THR A 199 -12.72 4.51 2.05
CA THR A 199 -11.52 5.34 1.87
C THR A 199 -10.66 4.98 3.06
N GLN A 200 -9.37 4.74 2.84
CA GLN A 200 -8.50 4.39 3.96
C GLN A 200 -8.50 5.49 5.01
N PRO A 201 -8.45 5.10 6.29
CA PRO A 201 -8.45 6.07 7.39
C PRO A 201 -7.22 6.97 7.41
N THR A 202 -7.38 8.12 8.05
CA THR A 202 -6.31 9.10 8.19
C THR A 202 -5.34 8.59 9.25
N THR A 203 -4.06 8.81 9.03
CA THR A 203 -3.05 8.41 10.00
C THR A 203 -2.21 9.65 10.31
N ILE A 204 -1.52 9.64 11.44
CA ILE A 204 -0.68 10.77 11.84
C ILE A 204 0.71 10.31 12.24
N LEU A 205 1.71 11.02 11.76
CA LEU A 205 3.11 10.71 12.10
C LEU A 205 3.50 11.65 13.23
N LYS A 206 3.83 11.09 14.40
CA LYS A 206 4.20 11.89 15.56
C LYS A 206 5.67 11.81 15.97
N ASN A 207 6.05 12.68 16.91
CA ASN A 207 7.42 12.76 17.42
C ASN A 207 8.44 13.10 16.34
N LEU A 208 8.13 14.11 15.53
CA LEU A 208 9.02 14.53 14.46
C LEU A 208 10.17 15.35 15.02
N ILE A 209 9.90 16.05 16.13
CA ILE A 209 10.90 16.90 16.77
C ILE A 209 11.96 16.08 17.52
N ALA A 210 11.50 15.31 18.50
CA ALA A 210 12.40 14.49 19.29
C ALA A 210 11.73 13.19 19.72
N GLY A 211 12.52 12.24 20.17
CA GLY A 211 11.97 10.97 20.61
C GLY A 211 11.85 9.99 19.45
N GLU A 212 11.17 8.88 19.70
CA GLU A 212 10.97 7.87 18.68
C GLU A 212 9.71 8.14 17.87
N ARG A 213 9.90 8.42 16.59
CA ARG A 213 8.78 8.70 15.69
C ARG A 213 7.86 7.49 15.60
N TYR A 214 6.58 7.72 15.37
CA TYR A 214 5.60 6.65 15.24
C TYR A 214 4.34 7.14 14.54
N MET A 215 3.52 6.20 14.09
CA MET A 215 2.28 6.53 13.41
C MET A 215 1.09 5.88 14.10
N GLU A 216 -0.06 6.52 13.98
CA GLU A 216 -1.28 6.00 14.57
C GLU A 216 -2.48 6.51 13.78
N PRO A 217 -3.53 5.68 13.64
CA PRO A 217 -4.72 6.10 12.92
C PRO A 217 -5.52 7.06 13.80
N VAL A 218 -6.32 7.90 13.18
CA VAL A 218 -7.14 8.86 13.93
C VAL A 218 -8.54 8.95 13.37
N ASN A 219 -9.43 9.58 14.13
CA ASN A 219 -10.81 9.76 13.72
C ASN A 219 -11.52 8.45 13.45
N GLU A 220 -12.27 8.39 12.36
CA GLU A 220 -13.03 7.20 12.01
C GLU A 220 -13.22 7.09 10.50
N PHE A 221 -13.81 5.99 10.06
CA PHE A 221 -14.09 5.77 8.65
C PHE A 221 -15.13 4.66 8.53
N GLU A 222 -15.82 4.60 7.41
CA GLU A 222 -16.85 3.59 7.22
C GLU A 222 -16.68 2.76 5.97
N VAL A 223 -17.18 1.53 6.03
CA VAL A 223 -17.15 0.63 4.90
C VAL A 223 -18.62 0.47 4.54
N HIS A 224 -18.94 0.62 3.26
CA HIS A 224 -20.32 0.51 2.80
C HIS A 224 -20.54 -0.59 1.79
N SER A 225 -21.64 -1.32 1.96
CA SER A 225 -21.99 -2.41 1.06
C SER A 225 -23.12 -1.98 0.15
N SER A 226 -23.11 -2.50 -1.08
CA SER A 226 -24.17 -2.17 -2.04
C SER A 226 -25.51 -2.71 -1.55
N LYS A 227 -25.49 -3.56 -0.52
CA LYS A 227 -26.73 -4.12 0.01
C LYS A 227 -27.28 -3.32 1.18
N GLY A 228 -26.63 -2.19 1.49
CA GLY A 228 -27.11 -1.34 2.57
C GLY A 228 -26.33 -1.38 3.88
N ASP A 229 -25.64 -2.50 4.13
CA ASP A 229 -24.88 -2.64 5.36
C ASP A 229 -23.80 -1.57 5.47
N LYS A 230 -23.51 -1.17 6.70
CA LYS A 230 -22.48 -0.17 6.95
C LYS A 230 -21.68 -0.56 8.17
N SER A 231 -20.38 -0.29 8.12
CA SER A 231 -19.50 -0.59 9.24
C SER A 231 -18.83 0.72 9.64
N HIS A 232 -18.86 1.02 10.92
CA HIS A 232 -18.27 2.24 11.44
C HIS A 232 -17.07 1.90 12.33
N ILE A 233 -15.88 2.29 11.88
CA ILE A 233 -14.66 2.02 12.62
C ILE A 233 -14.17 3.28 13.32
N LEU A 234 -14.04 3.21 14.64
CA LEU A 234 -13.57 4.36 15.41
C LEU A 234 -12.29 4.01 16.16
N PHE A 235 -11.26 4.82 15.97
CA PHE A 235 -9.98 4.59 16.63
C PHE A 235 -9.91 5.33 17.96
N ASP A 236 -9.27 4.70 18.94
CA ASP A 236 -9.12 5.31 20.27
C ASP A 236 -8.38 6.63 20.17
N LYS A 237 -8.78 7.60 20.99
CA LYS A 237 -8.10 8.89 20.96
C LYS A 237 -6.92 8.90 21.92
N ALA A 238 -5.78 9.37 21.44
CA ALA A 238 -4.57 9.44 22.24
C ALA A 238 -3.68 10.56 21.70
N GLY A 239 -3.31 11.49 22.58
CA GLY A 239 -2.46 12.59 22.14
C GLY A 239 -1.74 13.36 23.23
N MET A 240 -1.38 12.69 24.32
CA MET A 240 -0.67 13.37 25.40
C MET A 240 -0.16 12.48 26.52
N PHE A 241 -0.70 11.27 26.66
CA PHE A 241 -0.24 10.40 27.73
C PHE A 241 -0.38 8.91 27.46
N SER A 242 -1.55 8.49 27.00
CA SER A 242 -1.82 7.08 26.73
C SER A 242 -0.89 6.46 25.68
N GLY A 243 0.14 7.19 25.28
CA GLY A 243 1.07 6.68 24.29
C GLY A 243 0.43 6.51 22.93
N ARG A 244 0.97 5.62 22.12
CA ARG A 244 0.42 5.37 20.79
C ARG A 244 -0.97 4.75 20.85
N SER A 245 -1.89 5.28 20.05
CA SER A 245 -3.25 4.75 20.01
C SER A 245 -3.24 3.47 19.19
N GLU A 246 -3.61 2.36 19.81
CA GLU A 246 -3.62 1.08 19.11
C GLU A 246 -4.97 0.38 19.06
N GLY A 247 -5.89 0.78 19.95
CA GLY A 247 -7.20 0.15 19.96
C GLY A 247 -8.24 0.80 19.07
N PHE A 248 -9.29 0.05 18.76
CA PHE A 248 -10.37 0.56 17.93
C PHE A 248 -11.61 -0.30 18.10
N LYS A 249 -12.75 0.26 17.73
CA LYS A 249 -14.02 -0.43 17.83
C LYS A 249 -14.71 -0.40 16.47
N VAL A 250 -15.49 -1.43 16.18
CA VAL A 250 -16.21 -1.49 14.91
C VAL A 250 -17.68 -1.76 15.20
N SER A 251 -18.54 -0.92 14.64
CA SER A 251 -19.98 -1.08 14.82
C SER A 251 -20.58 -1.46 13.47
N ILE A 252 -21.14 -2.67 13.40
CA ILE A 252 -21.75 -3.16 12.17
C ILE A 252 -23.24 -2.90 12.20
N ILE A 253 -23.73 -2.15 11.21
CA ILE A 253 -25.14 -1.82 11.14
C ILE A 253 -25.80 -2.32 9.86
N PRO A 254 -26.54 -3.44 9.94
CA PRO A 254 -27.20 -4.00 8.77
C PRO A 254 -28.43 -3.16 8.42
N PRO A 255 -28.84 -3.17 7.15
CA PRO A 255 -30.02 -2.39 6.76
C PRO A 255 -31.30 -3.01 7.31
N PRO A 256 -32.35 -2.20 7.46
CA PRO A 256 -33.62 -2.73 7.98
C PRO A 256 -34.23 -3.69 6.97
N SER A 257 -35.06 -4.62 7.46
CA SER A 257 -35.72 -5.60 6.61
C SER A 257 -34.78 -6.71 6.16
N SER A 258 -33.59 -6.76 6.76
CA SER A 258 -32.61 -7.79 6.43
C SER A 258 -32.53 -8.78 7.58
N ASN A 259 -32.06 -10.00 7.29
CA ASN A 259 -31.94 -11.02 8.31
C ASN A 259 -30.66 -10.87 9.12
N ARG A 260 -29.78 -9.99 8.66
CA ARG A 260 -28.51 -9.74 9.34
C ARG A 260 -28.74 -8.84 10.55
N LYS A 261 -28.01 -9.09 11.63
CA LYS A 261 -28.17 -8.30 12.86
C LYS A 261 -26.97 -7.42 13.17
N LYS A 262 -27.18 -6.49 14.11
CA LYS A 262 -26.12 -5.58 14.52
C LYS A 262 -25.04 -6.31 15.30
N GLU A 263 -23.80 -5.99 15.01
CA GLU A 263 -22.67 -6.63 15.67
C GLU A 263 -21.59 -5.59 15.97
N THR A 264 -20.71 -5.92 16.90
CA THR A 264 -19.63 -5.03 17.27
C THR A 264 -18.32 -5.81 17.31
N LEU A 265 -17.25 -5.17 16.85
CA LEU A 265 -15.93 -5.79 16.84
C LEU A 265 -14.98 -4.88 17.61
N ALA A 266 -13.91 -5.45 18.14
CA ALA A 266 -12.93 -4.67 18.88
C ALA A 266 -11.56 -5.32 18.83
N GLY A 267 -10.53 -4.49 18.90
CA GLY A 267 -9.17 -5.00 18.87
C GLY A 267 -8.15 -3.89 18.75
N LYS A 268 -6.92 -4.27 18.41
CA LYS A 268 -5.83 -3.33 18.24
C LYS A 268 -5.27 -3.58 16.84
N TRP A 269 -5.05 -2.52 16.07
CA TRP A 269 -4.53 -2.69 14.72
C TRP A 269 -3.10 -3.19 14.71
N THR A 270 -2.48 -3.26 15.88
CA THR A 270 -1.13 -3.75 16.02
C THR A 270 -1.10 -5.23 16.37
N GLN A 271 -2.27 -5.84 16.56
CA GLN A 271 -2.30 -7.24 16.96
C GLN A 271 -3.44 -8.11 16.44
N SER A 272 -4.68 -7.76 16.77
CA SER A 272 -5.81 -8.58 16.35
C SER A 272 -7.16 -7.90 16.45
N LEU A 273 -8.18 -8.57 15.93
CA LEU A 273 -9.55 -8.07 15.95
C LEU A 273 -10.48 -9.24 16.26
N ALA A 274 -11.44 -9.02 17.16
CA ALA A 274 -12.37 -10.08 17.52
C ALA A 274 -13.81 -9.57 17.59
N ASN A 275 -14.74 -10.52 17.51
CA ASN A 275 -16.16 -10.22 17.60
C ASN A 275 -16.40 -10.01 19.10
N GLU A 276 -16.92 -8.84 19.48
CA GLU A 276 -17.15 -8.56 20.89
C GLU A 276 -18.19 -9.45 21.57
N THR A 277 -19.19 -9.90 20.83
CA THR A 277 -20.23 -10.75 21.39
C THR A 277 -19.74 -12.17 21.64
N THR A 278 -19.13 -12.77 20.63
CA THR A 278 -18.64 -14.14 20.73
C THR A 278 -17.19 -14.28 21.19
N HIS A 279 -16.41 -13.21 21.00
CA HIS A 279 -15.00 -13.20 21.38
C HIS A 279 -14.19 -13.97 20.33
N GLU A 280 -14.82 -14.29 19.22
CA GLU A 280 -14.16 -15.02 18.14
C GLU A 280 -13.16 -14.13 17.41
N THR A 281 -11.95 -14.64 17.20
CA THR A 281 -10.91 -13.89 16.51
C THR A 281 -11.22 -13.83 15.01
N ILE A 282 -11.19 -12.63 14.45
CA ILE A 282 -11.47 -12.42 13.04
C ILE A 282 -10.19 -12.26 12.23
N TRP A 283 -9.20 -11.61 12.85
CA TRP A 283 -7.92 -11.34 12.19
C TRP A 283 -6.81 -11.18 13.21
N GLU A 284 -5.60 -11.56 12.81
CA GLU A 284 -4.42 -11.44 13.66
C GLU A 284 -3.24 -11.11 12.76
N VAL A 285 -2.28 -10.35 13.27
CA VAL A 285 -1.11 -9.98 12.48
C VAL A 285 -0.25 -11.20 12.19
N GLY A 286 0.54 -11.11 11.13
CA GLY A 286 1.42 -12.18 10.76
C GLY A 286 2.78 -11.94 11.38
N ASP A 287 3.83 -12.34 10.69
CA ASP A 287 5.19 -12.18 11.21
C ASP A 287 5.96 -11.03 10.58
N LEU A 288 6.92 -10.53 11.35
CA LEU A 288 7.83 -9.49 10.89
C LEU A 288 9.11 -10.25 10.58
N VAL A 289 10.02 -9.62 9.86
CA VAL A 289 11.30 -10.28 9.58
C VAL A 289 12.05 -10.36 10.90
N SER A 290 13.09 -11.19 10.94
CA SER A 290 13.90 -11.33 12.14
C SER A 290 14.64 -10.02 12.39
N ASN A 291 14.82 -9.66 13.66
CA ASN A 291 15.52 -8.44 14.03
C ASN A 291 15.01 -7.26 13.22
N PRO A 292 13.70 -7.01 13.26
CA PRO A 292 13.05 -5.92 12.52
C PRO A 292 13.57 -4.52 12.74
N LYS A 293 14.13 -4.25 13.91
CA LYS A 293 14.65 -2.93 14.20
C LYS A 293 15.78 -2.57 13.23
N LYS A 294 16.49 -3.59 12.76
CA LYS A 294 17.60 -3.40 11.84
C LYS A 294 17.19 -3.56 10.39
N LYS A 295 15.91 -3.84 10.16
CA LYS A 295 15.41 -4.05 8.81
C LYS A 295 14.14 -3.26 8.48
N TYR A 296 14.14 -1.97 8.83
CA TYR A 296 13.02 -1.08 8.54
C TYR A 296 11.67 -1.47 9.16
N GLY A 297 11.67 -2.45 10.06
CA GLY A 297 10.41 -2.87 10.66
C GLY A 297 9.52 -3.60 9.68
N PHE A 298 10.11 -4.10 8.60
CA PHE A 298 9.40 -4.83 7.55
C PHE A 298 8.70 -6.09 8.02
N THR A 299 7.57 -6.40 7.38
CA THR A 299 6.87 -7.65 7.66
C THR A 299 7.52 -8.63 6.67
N LYS A 300 7.24 -9.92 6.81
CA LYS A 300 7.79 -10.87 5.87
C LYS A 300 7.22 -10.55 4.49
N PHE A 301 5.96 -10.12 4.45
CA PHE A 301 5.32 -9.78 3.18
C PHE A 301 6.06 -8.60 2.54
N THR A 302 6.41 -7.59 3.34
CA THR A 302 7.12 -6.43 2.80
C THR A 302 8.45 -6.88 2.21
N ALA A 303 9.17 -7.72 2.94
CA ALA A 303 10.47 -8.21 2.51
C ALA A 303 10.41 -9.01 1.22
N ASN A 304 9.23 -9.56 0.91
CA ASN A 304 9.06 -10.35 -0.29
C ASN A 304 8.62 -9.56 -1.52
N LEU A 305 8.21 -8.33 -1.31
CA LEU A 305 7.74 -7.48 -2.41
C LEU A 305 8.74 -7.26 -3.53
N ASN A 306 9.99 -6.98 -3.16
CA ASN A 306 11.01 -6.69 -4.16
C ASN A 306 11.85 -7.88 -4.61
N GLU A 307 11.39 -9.10 -4.31
CA GLU A 307 12.15 -10.27 -4.72
C GLU A 307 11.71 -10.78 -6.09
N ILE A 308 12.69 -11.20 -6.88
CA ILE A 308 12.42 -11.78 -8.19
C ILE A 308 12.53 -13.29 -8.00
N THR A 309 11.43 -14.00 -8.17
CA THR A 309 11.41 -15.45 -8.04
C THR A 309 11.14 -16.04 -9.42
N GLU A 310 10.98 -17.36 -9.47
CA GLU A 310 10.70 -18.05 -10.73
C GLU A 310 9.38 -17.54 -11.34
N ILE A 311 8.55 -16.91 -10.52
CA ILE A 311 7.29 -16.40 -11.01
C ILE A 311 7.52 -15.21 -11.93
N GLU A 312 8.44 -14.34 -11.53
CA GLU A 312 8.75 -13.12 -12.28
C GLU A 312 9.89 -13.23 -13.29
N LYS A 313 10.85 -14.11 -13.03
CA LYS A 313 12.03 -14.25 -13.88
C LYS A 313 11.73 -14.35 -15.37
N GLY A 314 12.17 -13.34 -16.11
CA GLY A 314 12.00 -13.30 -17.55
C GLY A 314 10.60 -12.96 -18.04
N ASN A 315 9.70 -12.66 -17.10
CA ASN A 315 8.30 -12.35 -17.44
C ASN A 315 7.90 -10.89 -17.22
N LEU A 316 8.78 -10.12 -16.60
CA LEU A 316 8.45 -8.73 -16.31
C LEU A 316 8.68 -7.73 -17.43
N PRO A 317 7.87 -6.68 -17.47
CA PRO A 317 8.02 -5.63 -18.49
C PRO A 317 9.22 -4.82 -17.98
N PRO A 318 9.80 -3.96 -18.82
CA PRO A 318 10.96 -3.15 -18.39
C PRO A 318 10.68 -2.20 -17.24
N THR A 319 9.40 -2.00 -16.93
CA THR A 319 8.96 -1.03 -15.93
C THR A 319 8.70 -1.48 -14.49
N ASP A 320 8.82 -2.78 -14.19
CA ASP A 320 8.52 -3.23 -12.84
C ASP A 320 9.45 -2.66 -11.76
N SER A 321 8.90 -2.35 -10.59
CA SER A 321 9.71 -1.80 -9.50
C SER A 321 10.87 -2.71 -9.13
N ARG A 322 10.72 -4.02 -9.34
CA ARG A 322 11.80 -4.96 -9.02
C ARG A 322 13.03 -4.74 -9.90
N LEU A 323 12.86 -4.00 -10.99
CA LEU A 323 13.97 -3.77 -11.90
C LEU A 323 14.65 -2.42 -11.68
N ARG A 324 14.18 -1.64 -10.71
CA ARG A 324 14.79 -0.35 -10.45
C ARG A 324 16.17 -0.52 -9.82
N PRO A 325 17.19 0.08 -10.43
CA PRO A 325 18.56 -0.03 -9.92
C PRO A 325 18.86 0.68 -8.61
N ASP A 326 18.19 1.81 -8.37
CA ASP A 326 18.43 2.52 -7.13
C ASP A 326 17.85 1.77 -5.95
N ILE A 327 16.64 1.24 -6.11
CA ILE A 327 16.01 0.48 -5.04
C ILE A 327 16.83 -0.79 -4.78
N ARG A 328 17.28 -1.45 -5.84
CA ARG A 328 18.05 -2.68 -5.69
C ARG A 328 19.40 -2.45 -5.01
N ALA A 329 20.12 -1.43 -5.46
CA ALA A 329 21.42 -1.12 -4.88
C ALA A 329 21.26 -0.76 -3.40
N TYR A 330 20.22 0.00 -3.09
CA TYR A 330 19.95 0.41 -1.72
C TYR A 330 19.61 -0.80 -0.85
N GLU A 331 18.80 -1.70 -1.40
CA GLU A 331 18.42 -2.91 -0.69
C GLU A 331 19.65 -3.72 -0.33
N GLU A 332 20.60 -3.79 -1.26
CA GLU A 332 21.82 -4.57 -1.04
C GLU A 332 22.92 -3.81 -0.32
N GLY A 333 22.60 -2.64 0.21
CA GLY A 333 23.59 -1.88 0.96
C GLY A 333 24.58 -1.02 0.22
N ASN A 334 24.43 -0.91 -1.10
CA ASN A 334 25.34 -0.09 -1.90
C ASN A 334 24.72 1.31 -1.94
N VAL A 335 24.87 2.05 -0.85
CA VAL A 335 24.31 3.39 -0.72
C VAL A 335 24.75 4.43 -1.74
N ASP A 336 26.05 4.59 -1.91
CA ASP A 336 26.57 5.57 -2.87
C ASP A 336 25.97 5.36 -4.25
N LYS A 337 25.95 4.10 -4.70
CA LYS A 337 25.40 3.79 -6.01
C LYS A 337 23.91 4.07 -6.04
N ALA A 338 23.21 3.75 -4.95
CA ALA A 338 21.78 3.99 -4.89
C ALA A 338 21.47 5.47 -5.05
N GLU A 339 22.26 6.32 -4.39
CA GLU A 339 22.04 7.76 -4.49
C GLU A 339 22.27 8.23 -5.93
N GLU A 340 23.34 7.76 -6.55
CA GLU A 340 23.65 8.15 -7.91
C GLU A 340 22.53 7.72 -8.86
N TRP A 341 22.04 6.50 -8.67
CA TRP A 341 20.96 5.99 -9.51
C TRP A 341 19.65 6.74 -9.28
N LYS A 342 19.35 7.06 -8.02
CA LYS A 342 18.11 7.78 -7.72
C LYS A 342 18.12 9.10 -8.48
N LEU A 343 19.22 9.83 -8.38
CA LEU A 343 19.34 11.11 -9.08
C LEU A 343 19.24 10.92 -10.60
N LYS A 344 19.84 9.86 -11.11
CA LYS A 344 19.82 9.58 -12.53
C LYS A 344 18.40 9.30 -13.04
N LEU A 345 17.66 8.46 -12.34
CA LEU A 345 16.29 8.15 -12.76
C LEU A 345 15.42 9.39 -12.75
N GLU A 346 15.57 10.22 -11.72
CA GLU A 346 14.78 11.45 -11.62
C GLU A 346 15.12 12.40 -12.76
N GLN A 347 16.41 12.48 -13.07
CA GLN A 347 16.90 13.36 -14.13
C GLN A 347 16.39 12.90 -15.50
N LEU A 348 16.42 11.59 -15.76
CA LEU A 348 15.94 11.09 -17.04
C LEU A 348 14.46 11.40 -17.22
N GLN A 349 13.70 11.24 -16.15
CA GLN A 349 12.27 11.51 -16.21
C GLN A 349 12.01 13.00 -16.45
N ARG A 350 12.78 13.87 -15.78
CA ARG A 350 12.60 15.30 -15.96
C ARG A 350 12.91 15.69 -17.42
N GLU A 351 13.95 15.09 -17.99
CA GLU A 351 14.31 15.38 -19.37
C GLU A 351 13.18 14.98 -20.31
N ARG A 352 12.60 13.80 -20.08
CA ARG A 352 11.49 13.34 -20.91
C ARG A 352 10.32 14.29 -20.79
N ARG A 353 10.04 14.69 -19.55
CA ARG A 353 8.93 15.59 -19.26
C ARG A 353 9.08 16.95 -19.94
N ASN A 354 10.23 17.58 -19.76
CA ASN A 354 10.45 18.90 -20.36
C ASN A 354 10.40 18.89 -21.88
N LYS A 355 10.73 17.75 -22.49
CA LYS A 355 10.68 17.64 -23.95
C LYS A 355 9.26 17.38 -24.42
N GLY A 356 8.36 17.15 -23.47
CA GLY A 356 6.97 16.87 -23.82
C GLY A 356 6.85 15.41 -24.25
N GLN A 357 7.83 14.61 -23.86
CA GLN A 357 7.86 13.20 -24.23
C GLN A 357 7.71 12.25 -23.04
N ASP A 358 6.86 12.63 -22.09
CA ASP A 358 6.61 11.78 -20.92
C ASP A 358 6.03 10.47 -21.42
N VAL A 359 6.30 9.39 -20.70
CA VAL A 359 5.78 8.09 -21.08
C VAL A 359 4.31 7.99 -20.66
N GLU A 360 3.50 7.42 -21.54
CA GLU A 360 2.07 7.26 -21.28
C GLU A 360 1.79 5.94 -20.56
N PRO A 361 0.92 5.95 -19.53
CA PRO A 361 0.63 4.70 -18.84
C PRO A 361 0.04 3.73 -19.86
N LYS A 362 0.25 2.43 -19.65
CA LYS A 362 -0.21 1.44 -20.61
C LYS A 362 -1.33 0.48 -20.22
N TYR A 363 -1.50 0.23 -18.93
CA TYR A 363 -2.46 -0.78 -18.48
C TYR A 363 -3.75 -0.31 -17.85
N PHE A 364 -3.87 1.00 -17.68
CA PHE A 364 -5.05 1.60 -17.08
C PHE A 364 -5.49 2.77 -17.94
N GLU A 365 -6.79 3.03 -17.96
CA GLU A 365 -7.34 4.15 -18.72
C GLU A 365 -8.17 5.02 -17.77
N LYS A 366 -8.16 6.32 -18.03
CA LYS A 366 -8.89 7.25 -17.19
C LYS A 366 -10.37 7.24 -17.57
N VAL A 367 -11.23 6.97 -16.59
CA VAL A 367 -12.67 6.92 -16.83
C VAL A 367 -13.36 8.18 -16.32
N SER A 368 -12.70 8.89 -15.41
CA SER A 368 -13.24 10.13 -14.86
C SER A 368 -12.19 10.80 -14.00
N LYS A 369 -12.57 11.89 -13.35
CA LYS A 369 -11.63 12.58 -12.47
C LYS A 369 -11.37 11.69 -11.26
N ASN A 370 -10.10 11.40 -11.02
CA ASN A 370 -9.69 10.59 -9.89
C ASN A 370 -10.13 9.14 -10.01
N GLU A 371 -10.31 8.66 -11.23
CA GLU A 371 -10.74 7.27 -11.42
C GLU A 371 -10.15 6.64 -12.69
N TRP A 372 -9.30 5.64 -12.51
CA TRP A 372 -8.70 4.92 -13.62
C TRP A 372 -9.20 3.49 -13.57
N LYS A 373 -9.18 2.81 -14.72
CA LYS A 373 -9.66 1.43 -14.80
C LYS A 373 -8.75 0.54 -15.63
N TYR A 374 -8.58 -0.70 -15.17
CA TYR A 374 -7.74 -1.66 -15.85
C TYR A 374 -8.22 -1.88 -17.29
N ILE A 375 -7.29 -1.83 -18.23
CA ILE A 375 -7.61 -2.02 -19.65
C ILE A 375 -7.62 -3.52 -19.99
N THR A 376 -8.76 -3.99 -20.50
CA THR A 376 -8.89 -5.40 -20.86
C THR A 376 -8.64 -5.59 -22.35
N GLY A 377 -8.40 -6.82 -22.77
CA GLY A 377 -8.16 -7.07 -24.18
C GLY A 377 -6.79 -7.66 -24.47
N PRO A 378 -6.48 -7.87 -25.76
CA PRO A 378 -5.21 -8.44 -26.23
C PRO A 378 -3.97 -7.68 -25.78
N LYS A 379 -4.12 -6.39 -25.49
CA LYS A 379 -2.99 -5.58 -25.05
C LYS A 379 -3.04 -5.26 -23.56
N SER A 380 -3.84 -6.03 -22.82
CA SER A 380 -3.92 -5.83 -21.37
C SER A 380 -2.63 -6.35 -20.77
N TYR A 381 -2.35 -5.95 -19.53
CA TYR A 381 -1.13 -6.41 -18.88
C TYR A 381 -1.01 -7.94 -18.83
N TRP A 382 -2.03 -8.59 -18.33
CA TRP A 382 -1.97 -10.05 -18.20
C TRP A 382 -1.94 -10.79 -19.52
N GLU A 383 -2.56 -10.24 -20.57
CA GLU A 383 -2.52 -10.89 -21.86
C GLU A 383 -1.11 -10.73 -22.47
N ARG A 384 -0.53 -9.54 -22.35
CA ARG A 384 0.82 -9.29 -22.85
C ARG A 384 1.83 -10.20 -22.17
N ARG A 385 1.71 -10.31 -20.85
CA ARG A 385 2.63 -11.11 -20.05
C ARG A 385 2.74 -12.55 -20.54
N LYS A 386 1.62 -13.11 -20.99
CA LYS A 386 1.58 -14.49 -21.47
C LYS A 386 2.52 -14.71 -22.65
N LYS A 387 2.77 -13.67 -23.43
CA LYS A 387 3.64 -13.80 -24.60
C LYS A 387 4.83 -12.84 -24.60
N HIS A 388 5.19 -12.30 -23.44
CA HIS A 388 6.30 -11.36 -23.34
C HIS A 388 6.14 -10.23 -24.36
N ASP A 389 4.90 -9.78 -24.55
CA ASP A 389 4.60 -8.71 -25.51
C ASP A 389 4.88 -7.34 -24.94
N TRP A 390 6.16 -6.97 -24.88
CA TRP A 390 6.58 -5.69 -24.33
C TRP A 390 7.44 -4.85 -25.29
N SER A 391 7.44 -5.19 -26.56
CA SER A 391 8.26 -4.46 -27.54
C SER A 391 7.99 -2.97 -27.65
N ASP A 392 6.79 -2.54 -27.29
CA ASP A 392 6.41 -1.14 -27.37
C ASP A 392 6.57 -0.41 -26.03
N ILE A 393 7.15 -1.10 -25.06
CA ILE A 393 7.37 -0.52 -23.74
C ILE A 393 8.79 0.01 -23.65
N SER A 394 8.92 1.32 -23.45
CA SER A 394 10.25 1.94 -23.37
C SER A 394 10.93 1.70 -22.03
N GLN A 395 12.25 1.88 -22.03
CA GLN A 395 13.05 1.73 -20.82
C GLN A 395 13.06 3.07 -20.11
N LEU A 396 12.57 3.10 -18.87
CA LEU A 396 12.54 4.33 -18.10
C LEU A 396 13.93 4.69 -17.57
N TRP A 397 14.81 3.70 -17.53
CA TRP A 397 16.18 3.90 -17.06
C TRP A 397 17.12 2.93 -17.79
#